data_1ATG
#
_entry.id   1ATG
#
_cell.length_a   32.934
_cell.length_b   88.802
_cell.length_c   41.746
_cell.angle_alpha   90.00
_cell.angle_beta   93.55
_cell.angle_gamma   90.00
#
_symmetry.space_group_name_H-M   'P 1 21 1'
#
loop_
_entity.id
_entity.type
_entity.pdbx_description
1 polymer 'PERIPLASMIC MOLYBDATE-BINDING PROTEIN'
2 non-polymer TUNGSTATE(VI)ION
3 non-polymer 'ACETATE ION'
4 non-polymer 'SULFATE ION'
5 non-polymer 1,2-ETHANEDIOL
6 water water
#
_entity_poly.entity_id   1
_entity_poly.type   'polypeptide(L)'
_entity_poly.pdbx_seq_one_letter_code
;ELKVVTATNFLGTLEQLAGQFAKQTGHAVVISSGSSGPVYAQIVNGAPYNVFFSADEKSPEKLDNQGFALPGSRFTYAIG
KLVLWSAKPGLVDNQGKVLAGNGWRHIAISNPQIAPYGLAGTQVLTHLGLLDKLTAQERIVEANSVGQAHSQTASGAADL
GFVALAQIIQAAAKIPGSHWFPPANYYEPIVQQAVITKSTAEKANAEQFMSWMKGPKAVAIIKAAGYVLPQ
;
_entity_poly.pdbx_strand_id   A
#
# COMPACT_ATOMS: atom_id res chain seq x y z
N GLU A 1 -0.67 -24.67 2.96
CA GLU A 1 0.37 -23.82 2.31
C GLU A 1 -0.26 -22.74 1.45
N LEU A 2 -0.87 -21.75 2.09
CA LEU A 2 -1.54 -20.65 1.41
C LEU A 2 -0.52 -19.72 0.72
N LYS A 3 -0.79 -19.41 -0.54
CA LYS A 3 0.08 -18.50 -1.29
C LYS A 3 -0.65 -17.17 -1.41
N VAL A 4 -0.08 -16.17 -0.71
CA VAL A 4 -0.70 -14.85 -0.67
C VAL A 4 0.19 -13.79 -1.33
N VAL A 5 -0.42 -13.04 -2.21
CA VAL A 5 0.28 -11.95 -2.91
C VAL A 5 -0.30 -10.62 -2.43
N THR A 6 0.59 -9.68 -2.16
CA THR A 6 0.17 -8.37 -1.68
C THR A 6 0.79 -7.22 -2.43
N ALA A 7 -0.01 -6.16 -2.56
CA ALA A 7 0.50 -4.84 -2.96
C ALA A 7 1.63 -4.52 -1.98
N THR A 8 2.68 -3.87 -2.49
CA THR A 8 3.86 -3.64 -1.69
C THR A 8 3.62 -2.83 -0.43
N ASN A 9 2.69 -1.90 -0.39
CA ASN A 9 2.50 -1.13 0.84
C ASN A 9 2.29 -2.01 2.07
N PHE A 10 1.60 -3.13 1.87
CA PHE A 10 1.12 -3.97 2.95
C PHE A 10 2.04 -5.11 3.30
N LEU A 11 3.21 -5.18 2.65
CA LEU A 11 4.11 -6.30 2.89
C LEU A 11 4.51 -6.48 4.35
N GLY A 12 5.03 -5.45 4.99
CA GLY A 12 5.48 -5.55 6.38
C GLY A 12 4.32 -5.91 7.30
N THR A 13 3.15 -5.35 7.07
CA THR A 13 1.97 -5.66 7.88
C THR A 13 1.52 -7.10 7.66
N LEU A 14 1.55 -7.55 6.40
CA LEU A 14 1.18 -8.93 6.12
C LEU A 14 2.17 -9.89 6.76
N GLU A 15 3.46 -9.53 6.84
CA GLU A 15 4.42 -10.40 7.53
C GLU A 15 4.03 -10.52 9.00
N GLN A 16 3.65 -9.41 9.63
CA GLN A 16 3.18 -9.46 11.02
C GLN A 16 1.93 -10.31 11.13
N LEU A 17 0.97 -10.12 10.24
CA LEU A 17 -0.27 -10.89 10.26
C LEU A 17 -0.03 -12.38 10.06
N ALA A 18 0.76 -12.73 9.04
CA ALA A 18 1.10 -14.13 8.78
C ALA A 18 1.76 -14.75 9.99
N GLY A 19 2.65 -14.09 10.69
CA GLY A 19 3.32 -14.58 11.88
C GLY A 19 2.28 -14.89 12.97
N GLN A 20 1.34 -13.98 13.19
CA GLN A 20 0.31 -14.21 14.20
C GLN A 20 -0.62 -15.33 13.78
N PHE A 21 -1.01 -15.44 12.53
CA PHE A 21 -1.91 -16.48 12.06
C PHE A 21 -1.25 -17.84 12.23
N ALA A 22 0.07 -17.91 11.98
CA ALA A 22 0.83 -19.13 12.16
C ALA A 22 0.92 -19.51 13.63
N LYS A 23 1.16 -18.58 14.52
CA LYS A 23 1.20 -18.87 15.95
C LYS A 23 -0.16 -19.42 16.40
N GLN A 24 -1.25 -18.79 15.97
CA GLN A 24 -2.56 -19.24 16.40
C GLN A 24 -3.02 -20.56 15.83
N THR A 25 -2.80 -20.83 14.57
CA THR A 25 -3.34 -21.96 13.86
C THR A 25 -2.37 -23.01 13.39
N GLY A 26 -1.08 -22.69 13.37
CA GLY A 26 -0.08 -23.63 12.88
C GLY A 26 0.09 -23.56 11.38
N HIS A 27 -0.72 -22.75 10.69
CA HIS A 27 -0.65 -22.62 9.25
C HIS A 27 0.40 -21.57 8.85
N ALA A 28 1.22 -21.96 7.89
CA ALA A 28 2.24 -21.06 7.35
C ALA A 28 1.77 -20.52 6.01
N VAL A 29 2.08 -19.25 5.76
CA VAL A 29 1.70 -18.60 4.51
C VAL A 29 2.97 -18.26 3.73
N VAL A 30 2.90 -18.33 2.42
CA VAL A 30 4.01 -17.93 1.56
C VAL A 30 3.61 -16.59 0.94
N ILE A 31 4.37 -15.54 1.26
CA ILE A 31 4.06 -14.20 0.79
C ILE A 31 4.85 -13.81 -0.45
N SER A 32 4.18 -13.19 -1.39
CA SER A 32 4.80 -12.56 -2.54
C SER A 32 4.28 -11.11 -2.59
N SER A 33 4.99 -10.24 -3.28
CA SER A 33 4.53 -8.84 -3.34
C SER A 33 4.91 -8.15 -4.63
N GLY A 34 4.15 -7.12 -4.96
CA GLY A 34 4.46 -6.30 -6.14
C GLY A 34 3.45 -5.16 -6.16
N SER A 35 3.53 -4.25 -7.13
CA SER A 35 2.56 -3.19 -7.26
C SER A 35 1.21 -3.81 -7.63
N SER A 36 0.13 -3.13 -7.28
CA SER A 36 -1.19 -3.67 -7.50
C SER A 36 -1.50 -3.97 -8.96
N GLY A 37 -1.11 -3.10 -9.88
CA GLY A 37 -1.35 -3.28 -11.31
C GLY A 37 -0.71 -4.55 -11.83
N PRO A 38 0.60 -4.67 -11.71
CA PRO A 38 1.31 -5.85 -12.18
C PRO A 38 0.80 -7.13 -11.51
N VAL A 39 0.48 -7.09 -10.22
CA VAL A 39 -0.05 -8.29 -9.56
C VAL A 39 -1.39 -8.67 -10.17
N TYR A 40 -2.25 -7.71 -10.42
CA TYR A 40 -3.51 -7.97 -11.11
C TYR A 40 -3.23 -8.66 -12.45
N ALA A 41 -2.28 -8.10 -13.22
CA ALA A 41 -1.98 -8.69 -14.53
C ALA A 41 -1.44 -10.09 -14.40
N GLN A 42 -0.65 -10.39 -13.40
CA GLN A 42 -0.13 -11.73 -13.18
C GLN A 42 -1.29 -12.66 -12.85
N ILE A 43 -2.25 -12.23 -12.05
CA ILE A 43 -3.40 -13.09 -11.73
C ILE A 43 -4.22 -13.37 -12.97
N VAL A 44 -4.50 -12.37 -13.78
CA VAL A 44 -5.24 -12.57 -15.03
C VAL A 44 -4.46 -13.52 -15.94
N ASN A 45 -3.14 -13.52 -15.87
CA ASN A 45 -2.27 -14.41 -16.61
C ASN A 45 -2.05 -15.73 -15.88
N GLY A 46 -2.97 -16.12 -14.99
CA GLY A 46 -2.97 -17.37 -14.31
C GLY A 46 -2.04 -17.64 -13.17
N ALA A 47 -1.39 -16.62 -12.59
CA ALA A 47 -0.48 -16.82 -11.48
C ALA A 47 -1.18 -17.60 -10.37
N PRO A 48 -0.54 -18.63 -9.85
CA PRO A 48 -1.14 -19.51 -8.87
C PRO A 48 -1.10 -19.00 -7.44
N TYR A 49 -1.83 -17.92 -7.20
CA TYR A 49 -1.95 -17.36 -5.86
C TYR A 49 -3.34 -17.74 -5.33
N ASN A 50 -3.47 -17.81 -4.02
CA ASN A 50 -4.75 -18.11 -3.39
C ASN A 50 -5.52 -16.86 -2.99
N VAL A 51 -4.78 -15.85 -2.50
CA VAL A 51 -5.34 -14.61 -1.99
C VAL A 51 -4.52 -13.42 -2.52
N PHE A 52 -5.24 -12.35 -2.84
CA PHE A 52 -4.62 -11.12 -3.31
C PHE A 52 -5.11 -9.94 -2.45
N PHE A 53 -4.14 -9.21 -1.88
CA PHE A 53 -4.37 -7.96 -1.18
C PHE A 53 -3.95 -6.81 -2.12
N SER A 54 -4.92 -6.07 -2.62
CA SER A 54 -4.58 -4.94 -3.48
C SER A 54 -4.43 -3.65 -2.66
N ALA A 55 -3.87 -2.60 -3.24
CA ALA A 55 -3.86 -1.29 -2.59
C ALA A 55 -5.05 -0.45 -3.07
N ASP A 56 -5.96 -1.03 -3.84
CA ASP A 56 -7.15 -0.32 -4.31
C ASP A 56 -8.33 -1.28 -4.34
N GLU A 57 -9.44 -0.75 -4.81
CA GLU A 57 -10.68 -1.47 -5.04
C GLU A 57 -10.76 -1.90 -6.50
N LYS A 58 -10.21 -1.09 -7.41
CA LYS A 58 -10.32 -1.34 -8.84
C LYS A 58 -9.81 -2.71 -9.26
N SER A 59 -8.62 -3.13 -8.85
CA SER A 59 -8.10 -4.43 -9.31
C SER A 59 -8.96 -5.57 -8.80
N PRO A 60 -9.26 -5.66 -7.52
CA PRO A 60 -10.16 -6.70 -7.01
C PRO A 60 -11.51 -6.65 -7.70
N GLU A 61 -12.10 -5.49 -7.95
CA GLU A 61 -13.38 -5.38 -8.64
C GLU A 61 -13.30 -5.91 -10.05
N LYS A 62 -12.25 -5.60 -10.80
CA LYS A 62 -12.06 -6.12 -12.14
C LYS A 62 -11.90 -7.62 -12.13
N LEU A 63 -11.15 -8.18 -11.19
CA LEU A 63 -10.99 -9.63 -11.08
C LEU A 63 -12.34 -10.30 -10.81
N ASP A 64 -13.15 -9.69 -9.95
CA ASP A 64 -14.48 -10.24 -9.64
C ASP A 64 -15.35 -10.22 -10.89
N ASN A 65 -15.40 -9.10 -11.59
CA ASN A 65 -16.18 -8.94 -12.81
C ASN A 65 -15.75 -9.88 -13.93
N GLN A 66 -14.45 -10.13 -14.07
CA GLN A 66 -13.90 -10.97 -15.10
C GLN A 66 -13.89 -12.46 -14.78
N GLY A 67 -14.35 -12.84 -13.59
CA GLY A 67 -14.44 -14.22 -13.18
C GLY A 67 -13.19 -14.83 -12.58
N PHE A 68 -12.20 -14.00 -12.23
CA PHE A 68 -10.97 -14.53 -11.65
C PHE A 68 -11.04 -14.59 -10.13
N ALA A 69 -11.95 -13.85 -9.53
CA ALA A 69 -12.09 -13.83 -8.07
C ALA A 69 -13.22 -14.74 -7.62
N LEU A 70 -13.05 -15.38 -6.46
CA LEU A 70 -14.13 -16.22 -5.93
C LEU A 70 -15.28 -15.29 -5.56
N PRO A 71 -16.46 -15.52 -6.13
CA PRO A 71 -17.62 -14.69 -5.86
C PRO A 71 -17.88 -14.57 -4.37
N GLY A 72 -18.17 -13.35 -3.90
CA GLY A 72 -18.46 -13.10 -2.50
C GLY A 72 -17.27 -12.94 -1.60
N SER A 73 -16.04 -13.08 -2.08
CA SER A 73 -14.86 -12.98 -1.24
C SER A 73 -14.26 -11.58 -1.17
N ARG A 74 -14.67 -10.68 -2.02
CA ARG A 74 -14.09 -9.33 -1.99
C ARG A 74 -14.51 -8.49 -0.81
N PHE A 75 -13.55 -7.86 -0.14
CA PHE A 75 -13.85 -6.99 1.00
C PHE A 75 -12.72 -5.99 1.22
N THR A 76 -13.08 -4.92 1.91
CA THR A 76 -12.10 -3.90 2.29
C THR A 76 -11.38 -4.34 3.55
N TYR A 77 -10.09 -4.65 3.47
CA TYR A 77 -9.33 -5.13 4.60
C TYR A 77 -8.58 -4.02 5.33
N ALA A 78 -8.42 -2.86 4.69
CA ALA A 78 -7.66 -1.77 5.31
C ALA A 78 -7.87 -0.52 4.47
N ILE A 79 -7.71 0.64 5.08
CA ILE A 79 -7.71 1.91 4.37
C ILE A 79 -6.39 2.57 4.74
N GLY A 80 -5.57 2.86 3.72
CA GLY A 80 -4.24 3.37 3.93
C GLY A 80 -4.23 4.84 4.30
N LYS A 81 -3.02 5.33 4.58
CA LYS A 81 -2.81 6.73 4.88
C LYS A 81 -1.53 7.16 4.16
N LEU A 82 -1.70 8.09 3.24
CA LEU A 82 -0.57 8.61 2.48
C LEU A 82 0.27 9.53 3.34
N VAL A 83 1.59 9.46 3.17
CA VAL A 83 2.49 10.32 3.90
C VAL A 83 3.57 10.89 2.99
N LEU A 84 3.83 12.18 3.10
CA LEU A 84 5.02 12.76 2.47
C LEU A 84 6.14 12.61 3.52
N TRP A 85 7.21 11.95 3.15
CA TRP A 85 8.26 11.62 4.10
C TRP A 85 9.60 12.04 3.56
N SER A 86 10.51 12.35 4.48
CA SER A 86 11.92 12.48 4.20
C SER A 86 12.67 11.76 5.33
N ALA A 87 13.81 11.17 5.00
CA ALA A 87 14.71 10.65 6.02
C ALA A 87 15.34 11.81 6.78
N LYS A 88 15.36 13.03 6.26
CA LYS A 88 15.99 14.14 6.94
C LYS A 88 15.05 14.83 7.91
N PRO A 89 15.39 14.88 9.19
CA PRO A 89 14.58 15.61 10.15
C PRO A 89 14.52 17.08 9.75
N GLY A 90 13.39 17.74 9.95
CA GLY A 90 13.24 19.15 9.64
C GLY A 90 12.98 19.51 8.19
N LEU A 91 13.14 18.62 7.21
CA LEU A 91 12.91 18.99 5.82
C LEU A 91 11.41 19.10 5.51
N VAL A 92 10.64 18.07 5.86
CA VAL A 92 9.20 18.10 5.64
C VAL A 92 8.54 18.82 6.79
N ASP A 93 7.93 19.96 6.51
CA ASP A 93 7.20 20.70 7.52
C ASP A 93 5.81 20.10 7.69
N ASN A 94 5.15 20.47 8.78
CA ASN A 94 3.83 19.92 9.11
C ASN A 94 2.67 20.47 8.31
N GLN A 95 2.89 21.29 7.30
CA GLN A 95 1.82 21.75 6.42
C GLN A 95 2.10 21.44 4.95
N GLY A 96 3.17 20.70 4.68
CA GLY A 96 3.51 20.32 3.31
C GLY A 96 4.01 21.47 2.44
N LYS A 97 4.31 22.63 3.03
CA LYS A 97 4.78 23.79 2.30
C LYS A 97 6.08 23.53 1.56
N VAL A 98 6.88 22.60 2.06
CA VAL A 98 8.13 22.21 1.42
C VAL A 98 7.92 21.86 -0.05
N LEU A 99 6.79 21.29 -0.43
CA LEU A 99 6.58 20.88 -1.81
C LEU A 99 6.64 22.01 -2.83
N ALA A 100 6.28 23.22 -2.42
CA ALA A 100 6.26 24.35 -3.33
C ALA A 100 7.60 25.05 -3.44
N GLY A 101 8.59 24.64 -2.67
CA GLY A 101 9.90 25.28 -2.70
C GLY A 101 10.96 24.49 -3.45
N ASN A 102 12.17 25.05 -3.42
CA ASN A 102 13.32 24.46 -4.11
C ASN A 102 14.39 23.99 -3.14
N GLY A 103 14.01 23.66 -1.91
CA GLY A 103 14.91 23.19 -0.88
C GLY A 103 15.13 21.68 -0.87
N TRP A 104 14.91 21.00 -1.98
CA TRP A 104 15.06 19.56 -2.10
C TRP A 104 15.21 19.27 -3.59
N ARG A 105 15.74 18.11 -3.90
CA ARG A 105 16.05 17.73 -5.28
C ARG A 105 14.93 16.92 -5.90
N HIS A 106 14.80 15.66 -5.54
CA HIS A 106 13.79 14.78 -6.11
C HIS A 106 12.78 14.25 -5.09
N ILE A 107 11.63 13.87 -5.62
CA ILE A 107 10.58 13.25 -4.83
C ILE A 107 10.25 11.92 -5.48
N ALA A 108 10.31 10.84 -4.71
CA ALA A 108 9.98 9.51 -5.19
C ALA A 108 8.47 9.30 -5.14
N ILE A 109 7.86 9.07 -6.31
CA ILE A 109 6.42 8.84 -6.37
C ILE A 109 6.21 7.57 -7.16
N SER A 110 5.51 6.60 -6.60
CA SER A 110 5.30 5.36 -7.35
C SER A 110 4.43 5.67 -8.57
N ASN A 111 4.64 4.87 -9.62
CA ASN A 111 3.94 5.04 -10.89
C ASN A 111 2.44 5.02 -10.69
N PRO A 112 1.73 6.09 -10.97
CA PRO A 112 0.31 6.17 -10.66
C PRO A 112 -0.56 5.26 -11.50
N GLN A 113 -0.05 4.78 -12.64
CA GLN A 113 -0.81 3.86 -13.45
C GLN A 113 -0.87 2.48 -12.84
N ILE A 114 0.08 2.11 -12.00
CA ILE A 114 0.14 0.77 -11.45
C ILE A 114 0.18 0.66 -9.92
N ALA A 115 0.45 1.76 -9.24
CA ALA A 115 0.62 1.75 -7.78
C ALA A 115 -0.33 2.79 -7.20
N PRO A 116 -1.39 2.34 -6.52
CA PRO A 116 -2.35 3.25 -5.91
C PRO A 116 -1.75 4.26 -4.95
N TYR A 117 -0.64 3.96 -4.25
CA TYR A 117 -0.03 4.98 -3.38
C TYR A 117 0.65 6.06 -4.23
N GLY A 118 1.02 5.73 -5.45
CA GLY A 118 1.53 6.66 -6.45
C GLY A 118 0.41 7.54 -6.99
N LEU A 119 -0.74 6.93 -7.25
CA LEU A 119 -1.91 7.67 -7.69
C LEU A 119 -2.29 8.71 -6.62
N ALA A 120 -2.30 8.29 -5.36
CA ALA A 120 -2.63 9.19 -4.27
C ALA A 120 -1.63 10.34 -4.19
N GLY A 121 -0.31 10.05 -4.25
CA GLY A 121 0.68 11.11 -4.20
C GLY A 121 0.53 12.09 -5.36
N THR A 122 0.26 11.54 -6.53
CA THR A 122 0.06 12.39 -7.71
C THR A 122 -1.18 13.27 -7.55
N GLN A 123 -2.25 12.71 -6.97
CA GLN A 123 -3.44 13.49 -6.70
C GLN A 123 -3.14 14.64 -5.74
N VAL A 124 -2.27 14.44 -4.75
CA VAL A 124 -1.91 15.52 -3.85
C VAL A 124 -1.21 16.63 -4.62
N LEU A 125 -0.25 16.29 -5.48
CA LEU A 125 0.41 17.33 -6.27
C LEU A 125 -0.58 18.06 -7.18
N THR A 126 -1.53 17.33 -7.76
CA THR A 126 -2.55 17.99 -8.58
C THR A 126 -3.39 18.90 -7.70
N HIS A 127 -3.75 18.47 -6.51
CA HIS A 127 -4.55 19.31 -5.61
C HIS A 127 -3.87 20.63 -5.31
N LEU A 128 -2.56 20.61 -5.13
CA LEU A 128 -1.76 21.77 -4.83
C LEU A 128 -1.34 22.56 -6.06
N GLY A 129 -1.64 22.08 -7.26
CA GLY A 129 -1.25 22.75 -8.49
C GLY A 129 0.26 22.67 -8.73
N LEU A 130 0.91 21.60 -8.26
CA LEU A 130 2.34 21.46 -8.38
C LEU A 130 2.77 20.33 -9.30
N LEU A 131 1.85 19.54 -9.82
CA LEU A 131 2.24 18.42 -10.67
C LEU A 131 2.93 18.88 -11.94
N ASP A 132 2.34 19.87 -12.63
CA ASP A 132 2.98 20.31 -13.88
C ASP A 132 4.37 20.88 -13.65
N LYS A 133 4.49 21.73 -12.64
CA LYS A 133 5.81 22.34 -12.38
C LYS A 133 6.86 21.29 -12.03
N LEU A 134 6.53 20.37 -11.12
CA LEU A 134 7.53 19.38 -10.69
C LEU A 134 7.84 18.39 -11.79
N THR A 135 6.91 18.12 -12.68
CA THR A 135 7.15 17.26 -13.83
C THR A 135 8.06 17.97 -14.81
N ALA A 136 7.79 19.24 -15.10
CA ALA A 136 8.62 20.03 -16.02
C ALA A 136 10.06 20.15 -15.52
N GLN A 137 10.20 20.31 -14.20
CA GLN A 137 11.52 20.41 -13.58
C GLN A 137 12.19 19.07 -13.42
N GLU A 138 11.58 17.97 -13.78
CA GLU A 138 12.14 16.64 -13.69
C GLU A 138 12.49 16.28 -12.25
N ARG A 139 11.67 16.75 -11.31
CA ARG A 139 11.94 16.45 -9.91
C ARG A 139 11.21 15.22 -9.42
N ILE A 140 10.25 14.70 -10.16
CA ILE A 140 9.56 13.50 -9.74
C ILE A 140 10.28 12.30 -10.31
N VAL A 141 10.64 11.36 -9.46
CA VAL A 141 11.33 10.15 -9.89
C VAL A 141 10.33 9.02 -9.74
N GLU A 142 9.95 8.43 -10.86
CA GLU A 142 8.95 7.37 -10.87
C GLU A 142 9.50 6.09 -10.31
N ALA A 143 8.88 5.56 -9.26
CA ALA A 143 9.22 4.29 -8.64
C ALA A 143 8.25 3.23 -9.15
N ASN A 144 8.65 1.97 -9.15
CA ASN A 144 7.76 0.95 -9.71
C ASN A 144 6.79 0.37 -8.70
N SER A 145 6.82 0.85 -7.46
CA SER A 145 5.94 0.41 -6.40
C SER A 145 6.14 1.37 -5.24
N VAL A 146 5.20 1.35 -4.27
CA VAL A 146 5.45 2.18 -3.08
C VAL A 146 6.54 1.57 -2.22
N GLY A 147 6.78 0.27 -2.32
CA GLY A 147 7.94 -0.36 -1.69
C GLY A 147 9.22 0.30 -2.20
N GLN A 148 9.33 0.49 -3.52
CA GLN A 148 10.51 1.16 -4.06
C GLN A 148 10.54 2.63 -3.72
N ALA A 149 9.41 3.35 -3.70
CA ALA A 149 9.41 4.75 -3.29
C ALA A 149 9.94 4.88 -1.86
N HIS A 150 9.45 3.97 -1.00
CA HIS A 150 9.93 3.98 0.38
C HIS A 150 11.42 3.68 0.48
N SER A 151 11.91 2.68 -0.26
CA SER A 151 13.33 2.35 -0.25
C SER A 151 14.19 3.54 -0.68
N GLN A 152 13.78 4.19 -1.76
CA GLN A 152 14.51 5.34 -2.28
C GLN A 152 14.55 6.48 -1.29
N THR A 153 13.44 6.71 -0.60
CA THR A 153 13.38 7.78 0.38
C THR A 153 14.17 7.42 1.63
N ALA A 154 14.06 6.16 2.08
CA ALA A 154 14.71 5.73 3.29
C ALA A 154 16.23 5.81 3.23
N SER A 155 16.80 5.58 2.07
CA SER A 155 18.24 5.66 1.88
C SER A 155 18.72 7.07 1.59
N GLY A 156 17.79 8.00 1.33
CA GLY A 156 18.16 9.33 0.91
C GLY A 156 18.38 9.40 -0.61
N ALA A 157 18.21 8.36 -1.39
CA ALA A 157 18.30 8.47 -2.84
C ALA A 157 17.32 9.51 -3.36
N ALA A 158 16.18 9.69 -2.71
CA ALA A 158 15.24 10.76 -2.95
C ALA A 158 15.11 11.59 -1.67
N ASP A 159 15.25 12.90 -1.75
CA ASP A 159 15.06 13.77 -0.59
C ASP A 159 13.66 13.60 -0.02
N LEU A 160 12.66 13.50 -0.88
CA LEU A 160 11.28 13.35 -0.45
C LEU A 160 10.69 12.10 -1.07
N GLY A 161 9.59 11.62 -0.49
CA GLY A 161 8.86 10.52 -1.12
C GLY A 161 7.43 10.47 -0.60
N PHE A 162 6.54 9.96 -1.44
CA PHE A 162 5.17 9.65 -1.04
C PHE A 162 5.10 8.17 -0.74
N VAL A 163 4.86 7.84 0.54
CA VAL A 163 4.90 6.48 1.02
C VAL A 163 3.66 6.13 1.83
N ALA A 164 3.57 4.88 2.25
CA ALA A 164 2.48 4.43 3.10
C ALA A 164 2.89 4.61 4.56
N LEU A 165 1.93 4.98 5.41
CA LEU A 165 2.25 5.13 6.83
C LEU A 165 2.80 3.86 7.42
N ALA A 166 2.27 2.69 7.05
CA ALA A 166 2.73 1.43 7.57
C ALA A 166 4.21 1.21 7.37
N GLN A 167 4.80 1.76 6.30
CA GLN A 167 6.21 1.56 6.02
C GLN A 167 7.14 2.35 6.92
N ILE A 168 6.63 3.36 7.62
CA ILE A 168 7.50 4.24 8.41
C ILE A 168 7.13 4.33 9.88
N ILE A 169 5.94 3.92 10.25
CA ILE A 169 5.51 4.02 11.66
C ILE A 169 6.26 2.97 12.45
N GLN A 170 6.78 3.36 13.63
CA GLN A 170 7.56 2.44 14.44
C GLN A 170 6.70 1.80 15.51
N ALA A 171 7.21 0.76 16.15
CA ALA A 171 6.50 0.02 17.18
C ALA A 171 5.94 0.89 18.29
N ALA A 172 6.65 1.95 18.67
CA ALA A 172 6.19 2.88 19.69
C ALA A 172 5.27 3.96 19.12
N ALA A 173 5.08 4.00 17.81
CA ALA A 173 4.24 4.96 17.14
C ALA A 173 5.01 6.20 16.66
N LYS A 174 6.33 6.13 16.73
CA LYS A 174 7.15 7.24 16.24
C LYS A 174 7.43 7.07 14.74
N ILE A 175 7.84 8.13 14.08
CA ILE A 175 8.15 8.13 12.65
C ILE A 175 9.49 8.87 12.51
N PRO A 176 10.47 8.21 11.99
CA PRO A 176 11.79 8.82 11.83
C PRO A 176 11.78 9.88 10.75
N GLY A 177 12.83 10.71 10.70
CA GLY A 177 12.95 11.73 9.66
C GLY A 177 11.96 12.86 9.87
N SER A 178 11.24 13.23 8.81
CA SER A 178 10.21 14.25 8.90
C SER A 178 9.03 13.83 8.02
N HIS A 179 7.81 14.24 8.39
CA HIS A 179 6.67 13.80 7.60
C HIS A 179 5.51 14.77 7.66
N TRP A 180 4.65 14.65 6.64
CA TRP A 180 3.43 15.43 6.53
C TRP A 180 2.34 14.53 5.96
N PHE A 181 1.21 14.48 6.66
CA PHE A 181 0.05 13.76 6.15
C PHE A 181 -0.78 14.70 5.31
N PRO A 182 -0.87 14.52 4.01
CA PRO A 182 -1.82 15.36 3.26
C PRO A 182 -3.23 15.12 3.79
N PRO A 183 -4.01 16.19 3.97
CA PRO A 183 -5.39 16.02 4.44
C PRO A 183 -6.16 15.11 3.51
N ALA A 184 -7.24 14.52 4.07
CA ALA A 184 -8.05 13.53 3.35
C ALA A 184 -8.81 14.05 2.14
N ASN A 185 -8.95 15.37 2.02
CA ASN A 185 -9.58 15.94 0.83
C ASN A 185 -8.56 16.25 -0.26
N TYR A 186 -7.28 15.94 -0.06
CA TYR A 186 -6.27 16.22 -1.07
C TYR A 186 -6.06 15.07 -2.05
N TYR A 187 -6.62 13.91 -1.76
CA TYR A 187 -6.49 12.74 -2.60
C TYR A 187 -7.68 11.83 -2.33
N GLU A 188 -7.96 10.90 -3.23
CA GLU A 188 -9.07 9.97 -2.94
C GLU A 188 -8.60 8.92 -1.96
N PRO A 189 -9.40 8.55 -0.97
CA PRO A 189 -8.98 7.58 0.03
C PRO A 189 -8.46 6.29 -0.57
N ILE A 190 -7.42 5.76 0.08
CA ILE A 190 -6.75 4.54 -0.39
C ILE A 190 -7.43 3.33 0.22
N VAL A 191 -8.55 2.96 -0.36
CA VAL A 191 -9.39 1.87 0.12
C VAL A 191 -8.89 0.55 -0.45
N GLN A 192 -8.38 -0.32 0.41
CA GLN A 192 -7.68 -1.51 -0.05
C GLN A 192 -8.53 -2.75 0.08
N GLN A 193 -8.72 -3.43 -1.04
CA GLN A 193 -9.56 -4.63 -1.05
C GLN A 193 -8.77 -5.88 -1.37
N ALA A 194 -9.30 -6.99 -0.86
CA ALA A 194 -8.71 -8.30 -1.04
C ALA A 194 -9.75 -9.24 -1.65
N VAL A 195 -9.23 -10.24 -2.35
CA VAL A 195 -10.10 -11.26 -2.93
C VAL A 195 -9.38 -12.61 -2.81
N ILE A 196 -10.21 -13.66 -2.86
CA ILE A 196 -9.72 -15.02 -3.01
C ILE A 196 -9.71 -15.28 -4.54
N THR A 197 -8.63 -15.90 -5.00
CA THR A 197 -8.53 -16.22 -6.44
C THR A 197 -9.40 -17.44 -6.69
N LYS A 198 -10.36 -17.35 -7.61
CA LYS A 198 -11.32 -18.42 -7.87
C LYS A 198 -10.75 -19.79 -8.09
N SER A 199 -9.61 -19.91 -8.76
CA SER A 199 -8.94 -21.15 -9.08
C SER A 199 -8.16 -21.77 -7.94
N THR A 200 -8.18 -21.17 -6.74
CA THR A 200 -7.43 -21.69 -5.62
C THR A 200 -7.67 -23.18 -5.37
N ALA A 201 -6.60 -23.87 -5.00
CA ALA A 201 -6.71 -25.29 -4.65
C ALA A 201 -6.74 -25.45 -3.13
N GLU A 202 -6.89 -24.32 -2.42
CA GLU A 202 -6.94 -24.29 -0.97
C GLU A 202 -8.09 -23.38 -0.53
N LYS A 203 -9.27 -23.57 -1.09
CA LYS A 203 -10.43 -22.75 -0.83
C LYS A 203 -10.77 -22.60 0.65
N ALA A 204 -10.85 -23.71 1.37
CA ALA A 204 -11.21 -23.67 2.79
C ALA A 204 -10.18 -22.87 3.59
N ASN A 205 -8.89 -23.12 3.37
CA ASN A 205 -7.85 -22.37 4.06
C ASN A 205 -7.89 -20.88 3.67
N ALA A 206 -8.13 -20.58 2.40
CA ALA A 206 -8.22 -19.18 1.97
C ALA A 206 -9.37 -18.49 2.66
N GLU A 207 -10.53 -19.14 2.73
CA GLU A 207 -11.69 -18.57 3.41
C GLU A 207 -11.42 -18.42 4.91
N GLN A 208 -10.70 -19.34 5.53
CA GLN A 208 -10.36 -19.23 6.94
C GLN A 208 -9.49 -18.00 7.17
N PHE A 209 -8.45 -17.84 6.33
CA PHE A 209 -7.56 -16.68 6.47
C PHE A 209 -8.30 -15.40 6.23
N MET A 210 -9.17 -15.32 5.23
CA MET A 210 -9.95 -14.12 4.93
C MET A 210 -10.88 -13.78 6.08
N SER A 211 -11.45 -14.79 6.74
CA SER A 211 -12.28 -14.58 7.91
C SER A 211 -11.45 -14.06 9.08
N TRP A 212 -10.28 -14.65 9.28
CA TRP A 212 -9.36 -14.25 10.33
C TRP A 212 -8.92 -12.80 10.17
N MET A 213 -8.71 -12.38 8.91
CA MET A 213 -8.32 -11.01 8.61
C MET A 213 -9.31 -9.96 9.07
N LYS A 214 -10.56 -10.37 9.32
CA LYS A 214 -11.59 -9.46 9.82
C LYS A 214 -11.72 -9.52 11.34
N GLY A 215 -11.01 -10.44 11.98
CA GLY A 215 -11.12 -10.68 13.42
C GLY A 215 -10.34 -9.69 14.24
N PRO A 216 -10.51 -9.73 15.57
CA PRO A 216 -9.92 -8.73 16.44
C PRO A 216 -8.42 -8.64 16.42
N LYS A 217 -7.72 -9.77 16.43
CA LYS A 217 -6.26 -9.69 16.46
C LYS A 217 -5.69 -9.15 15.16
N ALA A 218 -6.25 -9.60 14.04
CA ALA A 218 -5.78 -9.06 12.75
C ALA A 218 -6.08 -7.57 12.66
N VAL A 219 -7.29 -7.16 13.04
CA VAL A 219 -7.64 -5.72 12.98
C VAL A 219 -6.71 -4.91 13.85
N ALA A 220 -6.34 -5.42 15.04
CA ALA A 220 -5.44 -4.68 15.91
C ALA A 220 -4.06 -4.51 15.28
N ILE A 221 -3.55 -5.52 14.60
CA ILE A 221 -2.28 -5.42 13.90
C ILE A 221 -2.37 -4.41 12.76
N ILE A 222 -3.46 -4.45 12.02
CA ILE A 222 -3.69 -3.50 10.91
C ILE A 222 -3.74 -2.08 11.43
N LYS A 223 -4.47 -1.84 12.52
CA LYS A 223 -4.55 -0.49 13.08
C LYS A 223 -3.22 -0.02 13.65
N ALA A 224 -2.44 -0.92 14.23
CA ALA A 224 -1.13 -0.55 14.77
C ALA A 224 -0.18 -0.10 13.67
N ALA A 225 -0.41 -0.58 12.45
CA ALA A 225 0.38 -0.16 11.28
C ALA A 225 -0.16 1.12 10.67
N GLY A 226 -1.16 1.73 11.26
CA GLY A 226 -1.67 3.03 10.86
C GLY A 226 -2.82 3.01 9.88
N TYR A 227 -3.30 1.84 9.50
CA TYR A 227 -4.45 1.75 8.61
C TYR A 227 -5.73 1.99 9.40
N VAL A 228 -6.78 2.38 8.71
CA VAL A 228 -8.10 2.41 9.34
C VAL A 228 -8.94 1.28 8.74
N LEU A 229 -10.10 1.03 9.35
CA LEU A 229 -11.02 0.00 8.90
C LEU A 229 -12.34 0.68 8.57
N PRO A 230 -13.15 0.08 7.72
CA PRO A 230 -14.46 0.68 7.42
C PRO A 230 -15.27 0.87 8.69
N GLN A 231 -16.02 1.95 8.73
CA GLN A 231 -16.86 2.23 9.88
C GLN A 231 -18.12 1.39 9.94
#